data_7H68
#
_entry.id   7H68
#
_cell.length_a   73.600
_cell.length_b   73.600
_cell.length_c   48.484
_cell.angle_alpha   90.00
_cell.angle_beta   90.00
_cell.angle_gamma   90.00
#
_symmetry.space_group_name_H-M   'P 43'
#
loop_
_entity.id
_entity.type
_entity.pdbx_description
1 polymer Chymase
2 non-polymer 'ZINC ION'
3 non-polymer 'CHLORIDE ION'
4 non-polymer GLYCEROL
5 non-polymer (5R)-5-benzyl-3-[(R)-(5-fluoro-3-methyl-1H-indol-2-yl)(phenyl)methyl]-4-hydroxyfuran-2(5H)-one
6 water water
#
_entity_poly.entity_id   1
_entity_poly.type   'polypeptide(L)'
_entity_poly.pdbx_seq_one_letter_code
;IIGGTESKPHSRPYMAYLEIVTSNGPSKFCGGFLIRRNFVLTAAHCAGRSITVTLGAHNITEEEDTWQKLEVIKQFRHPK
YNTSTLHHDIMLLKLKEKASLTLAVGTLPFPSQKNFVPPGRMCRVAGWGRTGVLKPGSDTLQEVKLRLMDPQACSHFRDF
DHNLQLCVGNPRKTKSAFKGDSGGPLLCAGVAQGIVSYGRSDAKPPAVFTRISHYRPWINQILQAN
;
_entity_poly.pdbx_strand_id   A
#
# COMPACT_ATOMS: atom_id res chain seq x y z
N ILE A 1 -3.47 -6.08 -8.81
CA ILE A 1 -2.14 -6.40 -9.40
C ILE A 1 -2.39 -7.00 -10.78
N ILE A 2 -1.79 -6.39 -11.80
CA ILE A 2 -1.86 -6.87 -13.17
C ILE A 2 -0.58 -7.58 -13.54
N GLY A 3 -0.75 -8.77 -14.11
CA GLY A 3 0.37 -9.52 -14.65
C GLY A 3 1.21 -10.17 -13.59
N GLY A 4 0.66 -10.38 -12.39
CA GLY A 4 1.40 -10.98 -11.31
C GLY A 4 1.08 -12.45 -11.12
N THR A 5 1.42 -12.93 -9.93
CA THR A 5 1.22 -14.31 -9.55
C THR A 5 0.49 -14.31 -8.22
N GLU A 6 -0.20 -15.40 -7.92
CA GLU A 6 -0.81 -15.57 -6.61
C GLU A 6 0.31 -15.70 -5.57
N SER A 7 0.23 -14.95 -4.47
CA SER A 7 1.20 -15.06 -3.41
C SER A 7 1.05 -16.44 -2.76
N LYS A 8 2.16 -16.96 -2.26
CA LYS A 8 2.10 -18.10 -1.36
C LYS A 8 1.23 -17.66 -0.16
N PRO A 9 0.22 -18.45 0.20
CA PRO A 9 -0.69 -17.96 1.25
C PRO A 9 0.04 -17.63 2.54
N HIS A 10 -0.26 -16.46 3.09
CA HIS A 10 0.27 -16.01 4.38
C HIS A 10 1.76 -15.74 4.38
N SER A 11 2.36 -15.65 3.20
CA SER A 11 3.80 -15.40 3.07
C SER A 11 4.18 -13.94 3.25
N ARG A 12 3.18 -13.04 3.30
CA ARG A 12 3.40 -11.62 3.54
C ARG A 12 2.52 -11.22 4.70
N PRO A 13 2.93 -11.62 5.93
CA PRO A 13 1.99 -11.59 7.06
C PRO A 13 1.65 -10.19 7.58
N TYR A 14 2.36 -9.18 7.08
CA TYR A 14 2.07 -7.79 7.36
C TYR A 14 0.97 -7.21 6.47
N MET A 15 0.51 -7.92 5.44
CA MET A 15 -0.44 -7.33 4.49
C MET A 15 -1.79 -7.10 5.15
N ALA A 16 -2.37 -5.94 4.87
CA ALA A 16 -3.67 -5.54 5.37
C ALA A 16 -4.62 -5.30 4.22
N TYR A 17 -5.82 -5.83 4.34
CA TYR A 17 -6.92 -5.62 3.40
C TYR A 17 -7.85 -4.60 4.03
N LEU A 18 -8.01 -3.45 3.37
CA LEU A 18 -8.81 -2.35 3.90
C LEU A 18 -10.12 -2.19 3.14
N GLU A 19 -11.19 -2.14 3.92
CA GLU A 19 -12.51 -1.80 3.37
C GLU A 19 -12.88 -0.44 3.91
N ILE A 20 -13.12 0.49 3.00
CA ILE A 20 -13.23 1.92 3.24
CA ILE A 20 -13.30 1.86 3.40
C ILE A 20 -14.70 2.32 3.08
N VAL A 21 -15.31 2.87 4.12
CA VAL A 21 -16.69 3.23 4.11
C VAL A 21 -16.78 4.72 4.03
N THR A 22 -17.74 5.15 3.22
CA THR A 22 -18.11 6.56 3.10
C THR A 22 -19.62 6.64 3.21
N SER A 23 -20.14 7.81 3.57
CA SER A 23 -21.54 7.92 3.90
C SER A 23 -22.47 7.81 2.67
N ASN A 24 -21.93 8.07 1.47
CA ASN A 24 -22.70 8.23 0.22
C ASN A 24 -22.33 7.32 -0.99
N GLY A 25 -21.58 6.26 -0.76
CA GLY A 25 -21.39 5.26 -1.80
C GLY A 25 -20.98 3.96 -1.13
N PRO A 26 -20.92 2.86 -1.89
CA PRO A 26 -20.55 1.56 -1.34
C PRO A 26 -19.07 1.52 -0.95
N SER A 27 -18.71 0.46 -0.28
CA SER A 27 -17.31 0.24 0.12
C SER A 27 -16.33 0.39 -1.03
N LYS A 28 -15.17 0.99 -0.72
CA LYS A 28 -14.00 1.00 -1.59
C LYS A 28 -12.89 0.20 -0.91
N PHE A 29 -11.86 -0.16 -1.69
CA PHE A 29 -10.84 -1.09 -1.20
C PHE A 29 -9.44 -0.61 -1.43
N CYS A 30 -8.58 -0.88 -0.45
CA CYS A 30 -7.17 -0.56 -0.52
C CYS A 30 -6.38 -1.67 0.15
N GLY A 31 -5.06 -1.62 -0.03
CA GLY A 31 -4.14 -2.39 0.78
C GLY A 31 -3.51 -1.51 1.83
N GLY A 32 -2.66 -2.14 2.63
CA GLY A 32 -1.89 -1.47 3.64
C GLY A 32 -0.96 -2.50 4.25
N PHE A 33 -0.16 -2.08 5.22
CA PHE A 33 0.74 -3.01 5.88
C PHE A 33 0.96 -2.65 7.33
N LEU A 34 1.01 -3.69 8.14
CA LEU A 34 1.14 -3.56 9.58
C LEU A 34 2.59 -3.26 9.95
N ILE A 35 2.84 -2.07 10.51
CA ILE A 35 4.20 -1.66 10.89
C ILE A 35 4.42 -1.70 12.40
N ARG A 36 3.34 -1.68 13.18
CA ARG A 36 3.36 -1.93 14.62
C ARG A 36 2.13 -2.76 14.90
N ARG A 37 2.04 -3.40 16.06
CA ARG A 37 0.88 -4.23 16.29
C ARG A 37 -0.46 -3.46 16.24
N ASN A 38 -0.43 -2.15 16.49
CA ASN A 38 -1.62 -1.33 16.37
C ASN A 38 -1.50 -0.21 15.34
N PHE A 39 -0.62 -0.32 14.36
CA PHE A 39 -0.56 0.68 13.27
C PHE A 39 -0.38 0.03 11.91
N VAL A 40 -1.25 0.46 10.98
CA VAL A 40 -1.19 0.09 9.57
C VAL A 40 -0.84 1.33 8.75
N LEU A 41 0.12 1.18 7.86
CA LEU A 41 0.52 2.21 6.94
C LEU A 41 -0.21 1.97 5.62
N THR A 42 -0.71 3.05 5.03
CA THR A 42 -1.47 2.98 3.79
C THR A 42 -1.39 4.34 3.08
N ALA A 43 -2.23 4.51 2.06
CA ALA A 43 -2.32 5.76 1.33
C ALA A 43 -3.40 6.67 1.91
N ALA A 44 -3.15 7.97 1.93
CA ALA A 44 -4.12 8.95 2.38
C ALA A 44 -5.40 8.97 1.56
N HIS A 45 -5.32 8.69 0.26
CA HIS A 45 -6.53 8.73 -0.54
C HIS A 45 -7.48 7.57 -0.21
N CYS A 46 -7.02 6.64 0.64
CA CYS A 46 -7.86 5.56 1.14
C CYS A 46 -8.63 5.93 2.41
N ALA A 47 -8.54 7.19 2.85
CA ALA A 47 -9.26 7.63 4.03
C ALA A 47 -10.77 7.58 3.78
N GLY A 48 -11.52 7.43 4.85
CA GLY A 48 -12.97 7.44 4.72
C GLY A 48 -13.61 7.76 6.06
N ARG A 49 -14.92 7.57 6.12
CA ARG A 49 -15.64 7.78 7.36
C ARG A 49 -15.26 6.73 8.39
N SER A 50 -15.04 5.51 7.92
CA SER A 50 -14.56 4.46 8.78
C SER A 50 -13.90 3.42 7.90
N ILE A 51 -13.00 2.66 8.51
CA ILE A 51 -12.21 1.68 7.79
C ILE A 51 -12.15 0.42 8.63
N THR A 52 -12.30 -0.73 7.97
CA THR A 52 -12.08 -2.05 8.60
CA THR A 52 -12.01 -2.00 8.65
C THR A 52 -10.79 -2.63 8.03
N VAL A 53 -9.96 -3.20 8.88
CA VAL A 53 -8.71 -3.82 8.48
C VAL A 53 -8.84 -5.32 8.69
N THR A 54 -8.54 -6.09 7.66
CA THR A 54 -8.45 -7.55 7.83
C THR A 54 -6.99 -7.94 7.65
N LEU A 55 -6.42 -8.50 8.71
CA LEU A 55 -5.10 -9.13 8.70
C LEU A 55 -5.25 -10.62 8.58
N GLY A 56 -4.19 -11.26 8.11
CA GLY A 56 -4.16 -12.73 8.08
C GLY A 56 -4.87 -13.33 6.89
N ALA A 57 -5.20 -12.51 5.90
CA ALA A 57 -5.96 -13.00 4.77
C ALA A 57 -5.09 -13.52 3.62
N HIS A 58 -5.66 -14.49 2.90
CA HIS A 58 -5.16 -14.85 1.60
C HIS A 58 -6.30 -14.72 0.58
N ASN A 59 -7.25 -15.66 0.60
CA ASN A 59 -8.46 -15.56 -0.17
C ASN A 59 -9.46 -14.79 0.70
N ILE A 60 -9.71 -13.53 0.35
CA ILE A 60 -10.51 -12.65 1.17
C ILE A 60 -11.99 -13.01 1.16
N THR A 61 -12.40 -13.95 0.31
CA THR A 61 -13.80 -14.40 0.29
C THR A 61 -14.05 -15.59 1.20
N GLU A 62 -12.99 -16.15 1.79
CA GLU A 62 -13.12 -17.36 2.60
CA GLU A 62 -13.08 -17.37 2.58
C GLU A 62 -12.58 -17.12 4.00
N GLU A 63 -13.50 -16.94 4.94
CA GLU A 63 -13.14 -16.73 6.33
C GLU A 63 -12.35 -17.93 6.85
N GLU A 64 -11.33 -17.63 7.63
CA GLU A 64 -10.47 -18.66 8.22
C GLU A 64 -9.91 -18.17 9.54
N ASP A 65 -9.39 -19.10 10.33
CA ASP A 65 -8.90 -18.76 11.64
C ASP A 65 -7.76 -17.75 11.66
N THR A 66 -6.98 -17.66 10.58
CA THR A 66 -5.89 -16.69 10.52
C THR A 66 -6.45 -15.25 10.46
N TRP A 67 -7.71 -15.07 10.04
CA TRP A 67 -8.22 -13.68 9.94
C TRP A 67 -8.23 -13.00 11.28
N GLN A 68 -7.84 -11.72 11.29
CA GLN A 68 -8.12 -10.79 12.38
C GLN A 68 -8.77 -9.56 11.77
N LYS A 69 -10.04 -9.38 12.05
CA LYS A 69 -10.79 -8.24 11.53
C LYS A 69 -10.74 -7.21 12.64
N LEU A 70 -9.99 -6.16 12.41
CA LEU A 70 -9.63 -5.21 13.42
C LEU A 70 -10.22 -3.84 13.15
N GLU A 71 -10.75 -3.27 14.21
CA GLU A 71 -11.27 -1.93 14.19
C GLU A 71 -10.19 -0.89 14.14
N VAL A 72 -10.43 0.16 13.37
CA VAL A 72 -9.57 1.32 13.33
C VAL A 72 -10.17 2.38 14.27
N ILE A 73 -9.38 2.86 15.21
CA ILE A 73 -9.84 3.92 16.11
C ILE A 73 -9.68 5.31 15.51
N LYS A 74 -8.59 5.55 14.79
CA LYS A 74 -8.28 6.88 14.27
C LYS A 74 -7.44 6.77 13.01
N GLN A 75 -7.70 7.68 12.07
CA GLN A 75 -6.95 7.83 10.83
C GLN A 75 -6.07 9.06 10.93
N PHE A 76 -4.79 8.88 10.63
CA PHE A 76 -3.81 9.98 10.62
C PHE A 76 -3.34 10.23 9.19
N ARG A 77 -4.07 11.05 8.46
CA ARG A 77 -3.69 11.41 7.10
CA ARG A 77 -3.67 11.43 7.10
C ARG A 77 -2.53 12.40 7.19
N HIS A 78 -1.59 12.33 6.27
CA HIS A 78 -0.50 13.29 6.27
C HIS A 78 -1.11 14.70 6.20
N PRO A 79 -0.63 15.62 7.07
CA PRO A 79 -1.27 16.93 7.11
C PRO A 79 -1.11 17.78 5.86
N LYS A 80 -0.15 17.45 5.00
CA LYS A 80 0.06 18.17 3.74
C LYS A 80 -0.53 17.42 2.53
N TYR A 81 -1.21 16.29 2.77
CA TYR A 81 -1.84 15.60 1.68
C TYR A 81 -2.70 16.52 0.82
N ASN A 82 -2.51 16.45 -0.48
CA ASN A 82 -3.16 17.33 -1.42
C ASN A 82 -3.98 16.51 -2.39
N THR A 83 -5.30 16.69 -2.40
CA THR A 83 -6.20 15.88 -3.19
C THR A 83 -6.12 16.15 -4.68
N SER A 84 -5.47 17.25 -5.07
CA SER A 84 -5.28 17.62 -6.47
C SER A 84 -3.98 17.05 -7.05
N THR A 85 -2.86 17.31 -6.37
CA THR A 85 -1.54 16.84 -6.84
C THR A 85 -1.25 15.41 -6.38
N LEU A 86 -1.98 14.92 -5.38
CA LEU A 86 -1.71 13.65 -4.69
C LEU A 86 -0.35 13.59 -4.02
N HIS A 87 0.31 14.73 -3.79
CA HIS A 87 1.51 14.74 -2.97
C HIS A 87 1.14 14.30 -1.55
N HIS A 88 2.10 13.62 -0.92
CA HIS A 88 1.98 13.18 0.47
C HIS A 88 0.83 12.21 0.70
N ASP A 89 0.70 11.26 -0.21
CA ASP A 89 -0.38 10.27 -0.17
C ASP A 89 0.02 9.14 0.78
N ILE A 90 -0.05 9.43 2.06
CA ILE A 90 0.37 8.52 3.09
C ILE A 90 -0.51 8.76 4.31
N MET A 91 -0.85 7.66 5.00
CA MET A 91 -1.74 7.68 6.14
C MET A 91 -1.39 6.54 7.07
N LEU A 92 -1.46 6.81 8.36
CA LEU A 92 -1.38 5.80 9.40
C LEU A 92 -2.74 5.54 10.00
N LEU A 93 -3.07 4.26 10.17
CA LEU A 93 -4.29 3.85 10.84
C LEU A 93 -3.93 3.28 12.17
N LYS A 94 -4.47 3.86 13.24
CA LYS A 94 -4.30 3.29 14.58
C LYS A 94 -5.43 2.30 14.81
N LEU A 95 -5.05 1.08 15.18
CA LEU A 95 -6.02 0.04 15.48
C LEU A 95 -6.46 0.16 16.92
N LYS A 96 -7.71 -0.16 17.17
CA LYS A 96 -8.28 -0.10 18.49
C LYS A 96 -7.53 -0.99 19.48
N GLU A 97 -7.19 -2.19 19.03
CA GLU A 97 -6.35 -3.03 19.86
CA GLU A 97 -6.49 -3.27 19.76
C GLU A 97 -5.15 -3.52 19.07
N LYS A 98 -4.18 -4.07 19.76
CA LYS A 98 -2.99 -4.59 19.11
C LYS A 98 -3.36 -5.92 18.50
N ALA A 99 -2.91 -6.13 17.27
CA ALA A 99 -3.08 -7.39 16.59
C ALA A 99 -2.40 -8.52 17.35
N SER A 100 -2.92 -9.72 17.21
CA SER A 100 -2.23 -10.90 17.70
C SER A 100 -1.13 -11.27 16.72
N LEU A 101 0.02 -11.63 17.25
CA LEU A 101 1.09 -12.17 16.44
C LEU A 101 0.87 -13.65 16.22
N THR A 102 0.82 -14.06 14.96
CA THR A 102 0.64 -15.44 14.56
C THR A 102 1.56 -15.72 13.37
N LEU A 103 1.60 -16.95 12.88
CA LEU A 103 2.40 -17.20 11.69
C LEU A 103 1.90 -16.29 10.55
N ALA A 104 0.59 -16.11 10.48
CA ALA A 104 -0.05 -15.38 9.39
C ALA A 104 -0.13 -13.86 9.57
N VAL A 105 0.19 -13.34 10.75
CA VAL A 105 0.08 -11.92 11.06
C VAL A 105 1.30 -11.49 11.85
N GLY A 106 2.04 -10.55 11.30
CA GLY A 106 3.18 -9.97 11.95
C GLY A 106 3.50 -8.61 11.37
N THR A 107 4.35 -7.85 12.05
CA THR A 107 4.67 -6.52 11.61
C THR A 107 5.85 -6.54 10.63
N LEU A 108 5.95 -5.46 9.87
CA LEU A 108 7.10 -5.20 9.04
C LEU A 108 7.70 -3.88 9.55
N PRO A 109 8.58 -3.92 10.55
CA PRO A 109 9.15 -2.67 11.04
C PRO A 109 10.18 -2.15 10.07
N PHE A 110 10.41 -0.85 10.09
CA PHE A 110 11.47 -0.28 9.26
C PHE A 110 12.83 -0.54 9.91
N PRO A 111 13.85 -0.76 9.08
CA PRO A 111 15.22 -0.70 9.60
C PRO A 111 15.62 0.75 9.93
N SER A 112 16.67 0.91 10.74
CA SER A 112 17.13 2.25 11.12
C SER A 112 17.52 3.08 9.89
N GLN A 113 18.18 2.43 8.92
CA GLN A 113 18.59 3.07 7.66
C GLN A 113 17.40 3.59 6.86
N LYS A 114 17.52 4.80 6.33
CA LYS A 114 16.47 5.42 5.52
C LYS A 114 17.10 6.03 4.26
N ASN A 115 18.00 5.28 3.67
CA ASN A 115 18.72 5.73 2.47
C ASN A 115 17.77 5.91 1.29
N PHE A 116 18.09 6.90 0.45
CA PHE A 116 17.34 7.19 -0.76
C PHE A 116 17.57 6.05 -1.75
N VAL A 117 16.50 5.46 -2.26
CA VAL A 117 16.60 4.34 -3.20
C VAL A 117 16.65 4.85 -4.64
N PRO A 118 17.77 4.63 -5.32
CA PRO A 118 17.87 5.11 -6.69
C PRO A 118 17.15 4.20 -7.68
N PRO A 119 16.94 4.67 -8.91
CA PRO A 119 16.37 3.80 -9.95
C PRO A 119 17.25 2.61 -10.30
N GLY A 120 16.63 1.57 -10.85
CA GLY A 120 17.33 0.45 -11.49
C GLY A 120 17.00 -0.95 -10.99
N ARG A 121 16.79 -1.09 -9.69
CA ARG A 121 16.57 -2.42 -9.11
C ARG A 121 15.11 -2.95 -9.32
N MET A 122 14.92 -4.21 -8.98
CA MET A 122 13.61 -4.84 -9.01
C MET A 122 13.07 -4.90 -7.57
N CYS A 123 11.78 -4.65 -7.45
CA CYS A 123 11.06 -4.68 -6.16
C CYS A 123 9.78 -5.46 -6.37
N ARG A 124 9.10 -5.77 -5.29
CA ARG A 124 7.84 -6.52 -5.37
C ARG A 124 6.73 -5.76 -4.65
N VAL A 125 5.54 -5.84 -5.22
CA VAL A 125 4.35 -5.25 -4.61
C VAL A 125 3.26 -6.31 -4.59
N ALA A 126 2.44 -6.27 -3.55
CA ALA A 126 1.35 -7.22 -3.39
C ALA A 126 0.04 -6.48 -3.14
N GLY A 127 -1.06 -7.12 -3.50
CA GLY A 127 -2.37 -6.58 -3.25
C GLY A 127 -3.49 -7.43 -3.77
N TRP A 128 -4.70 -7.05 -3.37
CA TRP A 128 -5.93 -7.68 -3.80
C TRP A 128 -6.67 -6.88 -4.86
N GLY A 129 -5.99 -5.92 -5.48
CA GLY A 129 -6.63 -5.06 -6.47
C GLY A 129 -6.97 -5.75 -7.77
N ARG A 130 -7.53 -4.96 -8.66
CA ARG A 130 -7.96 -5.43 -9.98
C ARG A 130 -6.80 -6.03 -10.75
N THR A 131 -7.10 -7.08 -11.49
CA THR A 131 -6.09 -7.77 -12.29
C THR A 131 -6.14 -7.37 -13.76
N GLY A 132 -6.93 -6.34 -14.06
CA GLY A 132 -7.00 -5.77 -15.40
C GLY A 132 -7.91 -4.59 -15.36
N VAL A 133 -7.89 -3.78 -16.41
CA VAL A 133 -8.75 -2.63 -16.48
C VAL A 133 -10.21 -3.02 -16.32
N LEU A 134 -10.63 -4.07 -16.99
CA LEU A 134 -12.05 -4.42 -16.96
C LEU A 134 -12.33 -5.61 -16.02
N LYS A 135 -11.47 -5.78 -15.02
CA LYS A 135 -11.57 -6.92 -14.12
C LYS A 135 -11.78 -6.53 -12.66
N PRO A 136 -12.49 -7.38 -11.90
CA PRO A 136 -12.66 -7.13 -10.47
C PRO A 136 -11.37 -7.36 -9.71
N GLY A 137 -11.36 -6.92 -8.46
CA GLY A 137 -10.28 -7.22 -7.57
C GLY A 137 -10.11 -8.72 -7.42
N SER A 138 -8.88 -9.11 -7.18
CA SER A 138 -8.54 -10.51 -6.99
C SER A 138 -9.06 -11.01 -5.65
N ASP A 139 -9.66 -12.20 -5.63
CA ASP A 139 -10.03 -12.83 -4.36
C ASP A 139 -8.81 -13.20 -3.53
N THR A 140 -7.72 -13.57 -4.20
CA THR A 140 -6.48 -13.95 -3.58
C THR A 140 -5.43 -12.87 -3.63
N LEU A 141 -4.55 -12.83 -2.65
CA LEU A 141 -3.43 -11.91 -2.63
C LEU A 141 -2.53 -12.25 -3.82
N GLN A 142 -2.22 -11.22 -4.62
CA GLN A 142 -1.37 -11.32 -5.80
C GLN A 142 -0.13 -10.50 -5.56
N GLU A 143 0.95 -10.81 -6.28
CA GLU A 143 2.14 -10.02 -6.21
C GLU A 143 2.84 -10.00 -7.55
N VAL A 144 3.68 -8.97 -7.75
CA VAL A 144 4.38 -8.79 -9.01
C VAL A 144 5.71 -8.11 -8.75
N LYS A 145 6.70 -8.49 -9.56
CA LYS A 145 8.03 -7.90 -9.51
C LYS A 145 8.08 -6.77 -10.54
N LEU A 146 8.46 -5.59 -10.09
CA LEU A 146 8.45 -4.39 -10.94
C LEU A 146 9.78 -3.69 -10.88
N ARG A 147 10.13 -3.04 -11.99
CA ARG A 147 11.37 -2.30 -12.04
C ARG A 147 11.22 -0.88 -11.49
N LEU A 148 12.15 -0.46 -10.65
CA LEU A 148 12.26 0.95 -10.25
CA LEU A 148 12.26 0.91 -10.24
C LEU A 148 12.83 1.73 -11.40
N MET A 149 12.08 2.71 -11.87
CA MET A 149 12.44 3.48 -13.05
C MET A 149 13.08 4.81 -12.72
N ASP A 150 13.89 5.30 -13.65
CA ASP A 150 14.35 6.68 -13.58
C ASP A 150 13.15 7.61 -13.55
N PRO A 151 13.27 8.73 -12.84
CA PRO A 151 12.09 9.58 -12.66
C PRO A 151 11.53 10.12 -13.96
N GLN A 152 12.37 10.28 -14.97
CA GLN A 152 11.83 10.74 -16.25
C GLN A 152 10.76 9.83 -16.84
N ALA A 153 10.77 8.55 -16.45
CA ALA A 153 9.75 7.63 -16.94
C ALA A 153 8.33 7.99 -16.44
N CYS A 154 8.25 8.80 -15.38
CA CYS A 154 6.98 9.27 -14.82
C CYS A 154 6.71 10.74 -15.07
N SER A 155 7.43 11.36 -16.01
CA SER A 155 7.26 12.79 -16.29
C SER A 155 5.84 13.15 -16.71
N HIS A 156 5.19 12.24 -17.40
CA HIS A 156 3.81 12.47 -17.88
C HIS A 156 2.80 12.63 -16.75
N PHE A 157 3.12 12.14 -15.57
CA PHE A 157 2.37 12.47 -14.37
C PHE A 157 2.92 13.83 -13.96
N ARG A 158 2.20 14.89 -14.30
CA ARG A 158 2.82 16.22 -14.24
C ARG A 158 3.08 16.64 -12.79
N ASP A 159 2.39 16.04 -11.82
CA ASP A 159 2.64 16.31 -10.41
C ASP A 159 3.54 15.29 -9.73
N PHE A 160 4.14 14.40 -10.50
CA PHE A 160 5.14 13.49 -9.94
C PHE A 160 6.36 14.27 -9.48
N ASP A 161 6.97 13.87 -8.38
CA ASP A 161 8.21 14.44 -7.94
CA ASP A 161 8.15 14.50 -7.80
C ASP A 161 9.13 13.38 -7.38
N HIS A 162 10.31 13.33 -7.96
CA HIS A 162 11.33 12.31 -7.65
C HIS A 162 11.71 12.27 -6.19
N ASN A 163 11.69 13.41 -5.51
CA ASN A 163 12.09 13.43 -4.11
C ASN A 163 11.02 12.82 -3.22
N LEU A 164 9.77 12.91 -3.66
CA LEU A 164 8.63 12.45 -2.86
C LEU A 164 8.13 11.05 -3.20
N GLN A 165 8.47 10.60 -4.40
CA GLN A 165 7.81 9.46 -5.02
C GLN A 165 8.78 8.61 -5.78
N LEU A 166 8.45 7.32 -5.89
CA LEU A 166 9.12 6.37 -6.76
C LEU A 166 8.31 6.17 -8.02
N CYS A 167 8.99 5.90 -9.13
CA CYS A 167 8.39 5.63 -10.41
C CYS A 167 8.59 4.16 -10.68
N VAL A 168 7.51 3.39 -10.78
CA VAL A 168 7.61 1.94 -10.67
C VAL A 168 6.88 1.22 -11.78
N GLY A 169 7.60 0.37 -12.50
CA GLY A 169 7.02 -0.45 -13.54
C GLY A 169 7.52 -0.06 -14.93
N ASN A 170 8.23 -0.99 -15.57
CA ASN A 170 8.73 -0.79 -16.92
C ASN A 170 7.53 -0.65 -17.85
N PRO A 171 7.46 0.43 -18.66
CA PRO A 171 6.35 0.61 -19.58
C PRO A 171 6.28 -0.43 -20.70
N ARG A 172 7.36 -1.21 -20.88
CA ARG A 172 7.38 -2.30 -21.84
C ARG A 172 6.62 -3.53 -21.41
N LYS A 173 6.19 -3.58 -20.15
CA LYS A 173 5.48 -4.74 -19.64
C LYS A 173 4.07 -4.31 -19.25
N THR A 174 3.17 -5.26 -19.06
CA THR A 174 1.84 -4.93 -18.54
C THR A 174 1.82 -4.98 -17.00
N LYS A 175 2.86 -5.53 -16.41
CA LYS A 175 2.94 -5.72 -14.96
C LYS A 175 2.78 -4.41 -14.23
N SER A 176 1.88 -4.35 -13.25
CA SER A 176 1.67 -3.10 -12.53
C SER A 176 0.79 -3.32 -11.32
N ALA A 177 0.88 -2.40 -10.36
CA ALA A 177 -0.17 -2.24 -9.38
C ALA A 177 -1.34 -1.53 -10.03
N PHE A 178 -2.54 -1.69 -9.50
CA PHE A 178 -3.70 -1.00 -10.06
C PHE A 178 -4.75 -0.72 -8.98
N LYS A 179 -5.92 -0.27 -9.39
CA LYS A 179 -7.00 0.06 -8.49
C LYS A 179 -7.26 -1.07 -7.51
N GLY A 180 -7.34 -0.72 -6.24
CA GLY A 180 -7.49 -1.69 -5.17
C GLY A 180 -6.18 -2.07 -4.50
N ASP A 181 -5.07 -1.75 -5.12
CA ASP A 181 -3.74 -1.97 -4.59
C ASP A 181 -3.18 -0.78 -3.83
N SER A 182 -3.80 0.40 -3.93
CA SER A 182 -3.28 1.59 -3.27
C SER A 182 -3.09 1.34 -1.80
N GLY A 183 -1.99 1.82 -1.26
CA GLY A 183 -1.67 1.63 0.13
C GLY A 183 -0.78 0.44 0.42
N GLY A 184 -0.64 -0.50 -0.50
CA GLY A 184 0.21 -1.65 -0.29
C GLY A 184 1.66 -1.29 -0.37
N PRO A 185 2.52 -2.10 0.22
CA PRO A 185 3.95 -1.84 0.24
C PRO A 185 4.64 -2.31 -1.04
N LEU A 186 5.68 -1.58 -1.41
CA LEU A 186 6.68 -2.01 -2.39
C LEU A 186 7.92 -2.40 -1.61
N LEU A 187 8.31 -3.66 -1.70
CA LEU A 187 9.48 -4.12 -0.97
CA LEU A 187 9.44 -4.22 -0.98
C LEU A 187 10.61 -4.33 -1.94
N CYS A 188 11.76 -3.81 -1.55
CA CYS A 188 12.99 -3.98 -2.32
C CYS A 188 13.95 -4.69 -1.38
N ALA A 189 14.35 -5.91 -1.77
CA ALA A 189 15.22 -6.72 -0.92
C ALA A 189 14.63 -6.89 0.48
N GLY A 190 13.31 -7.06 0.55
CA GLY A 190 12.64 -7.30 1.83
C GLY A 190 12.36 -6.10 2.71
N VAL A 191 12.66 -4.89 2.21
CA VAL A 191 12.46 -3.67 2.97
C VAL A 191 11.41 -2.80 2.26
N ALA A 192 10.42 -2.30 2.98
CA ALA A 192 9.38 -1.45 2.40
C ALA A 192 9.97 -0.11 2.04
N GLN A 193 9.99 0.17 0.75
CA GLN A 193 10.51 1.42 0.23
C GLN A 193 9.45 2.34 -0.36
N GLY A 194 8.31 1.78 -0.75
CA GLY A 194 7.26 2.55 -1.38
C GLY A 194 5.89 2.13 -0.91
N ILE A 195 4.92 3.00 -1.18
CA ILE A 195 3.50 2.71 -0.97
C ILE A 195 2.77 2.96 -2.28
N VAL A 196 1.97 2.02 -2.75
CA VAL A 196 1.22 2.24 -3.98
C VAL A 196 0.38 3.49 -3.82
N SER A 197 0.46 4.42 -4.78
CA SER A 197 -0.36 5.62 -4.76
C SER A 197 -1.32 5.64 -5.95
N TYR A 198 -0.86 5.98 -7.14
CA TYR A 198 -1.75 6.14 -8.27
C TYR A 198 -1.05 5.84 -9.59
N GLY A 199 -1.82 5.82 -10.65
CA GLY A 199 -1.30 5.58 -11.98
C GLY A 199 -2.39 5.94 -12.97
N ARG A 200 -2.18 5.50 -14.20
CA ARG A 200 -3.13 5.78 -15.26
C ARG A 200 -4.37 4.93 -15.13
N SER A 201 -5.49 5.47 -15.60
CA SER A 201 -6.76 4.73 -15.60
CA SER A 201 -6.77 4.75 -15.62
C SER A 201 -6.73 3.51 -16.50
N ASP A 202 -5.85 3.51 -17.50
CA ASP A 202 -5.73 2.37 -18.41
C ASP A 202 -4.66 1.37 -17.97
N ALA A 203 -4.08 1.59 -16.79
CA ALA A 203 -3.16 0.67 -16.14
C ALA A 203 -1.80 0.56 -16.83
N LYS A 204 -1.49 1.45 -17.76
CA LYS A 204 -0.20 1.36 -18.45
C LYS A 204 0.88 1.83 -17.48
N PRO A 205 1.89 0.99 -17.20
CA PRO A 205 2.94 1.41 -16.26
C PRO A 205 3.85 2.45 -16.90
N PRO A 206 4.62 3.20 -16.09
CA PRO A 206 4.80 3.08 -14.66
C PRO A 206 3.67 3.69 -13.84
N ALA A 207 3.64 3.32 -12.57
CA ALA A 207 2.76 3.95 -11.59
C ALA A 207 3.61 4.68 -10.57
N VAL A 208 2.94 5.53 -9.78
CA VAL A 208 3.56 6.41 -8.82
C VAL A 208 3.36 5.84 -7.42
N PHE A 209 4.45 5.72 -6.69
CA PHE A 209 4.42 5.23 -5.32
C PHE A 209 4.97 6.30 -4.39
N THR A 210 4.44 6.38 -3.18
CA THR A 210 5.02 7.27 -2.18
C THR A 210 6.39 6.74 -1.79
N ARG A 211 7.38 7.63 -1.70
CA ARG A 211 8.74 7.27 -1.31
C ARG A 211 8.83 7.29 0.21
N ILE A 212 8.85 6.11 0.83
CA ILE A 212 8.75 6.04 2.28
C ILE A 212 9.88 6.82 3.01
N SER A 213 11.10 6.75 2.49
CA SER A 213 12.24 7.38 3.18
C SER A 213 11.97 8.84 3.51
N HIS A 214 11.28 9.54 2.61
CA HIS A 214 10.96 10.96 2.81
C HIS A 214 10.07 11.21 4.01
N TYR A 215 9.24 10.22 4.35
CA TYR A 215 8.20 10.34 5.37
C TYR A 215 8.57 9.68 6.70
N ARG A 216 9.78 9.15 6.78
CA ARG A 216 10.18 8.46 8.02
C ARG A 216 10.07 9.35 9.27
N PRO A 217 10.49 10.63 9.17
CA PRO A 217 10.31 11.48 10.36
C PRO A 217 8.84 11.65 10.78
N TRP A 218 7.96 11.83 9.80
CA TRP A 218 6.55 11.98 10.14
C TRP A 218 5.94 10.70 10.72
N ILE A 219 6.27 9.56 10.13
CA ILE A 219 5.83 8.26 10.64
C ILE A 219 6.27 8.12 12.10
N ASN A 220 7.55 8.41 12.37
CA ASN A 220 8.09 8.30 13.72
CA ASN A 220 8.09 8.28 13.71
C ASN A 220 7.37 9.21 14.69
N GLN A 221 7.08 10.43 14.24
CA GLN A 221 6.38 11.42 15.04
C GLN A 221 5.00 10.91 15.47
N ILE A 222 4.24 10.35 14.52
CA ILE A 222 2.91 9.86 14.83
C ILE A 222 3.00 8.67 15.78
N LEU A 223 3.91 7.73 15.51
CA LEU A 223 4.06 6.52 16.33
C LEU A 223 4.50 6.82 17.76
N GLN A 224 5.35 7.82 17.93
CA GLN A 224 5.81 8.18 19.28
C GLN A 224 4.74 8.93 20.08
N ALA A 225 3.87 9.66 19.39
CA ALA A 225 2.84 10.50 20.04
C ALA A 225 1.50 9.79 20.27
N ASN A 226 1.37 8.58 19.76
CA ASN A 226 0.09 7.88 19.81
C ASN A 226 0.25 6.44 20.26
#